data_3W70
#
_entry.id   3W70
#
_cell.length_a   67.994
_cell.length_b   71.848
_cell.length_c   128.638
_cell.angle_alpha   90.000
_cell.angle_beta   90.000
_cell.angle_gamma   90.000
#
_symmetry.space_group_name_H-M   'P 21 21 21'
#
loop_
_entity.id
_entity.type
_entity.pdbx_description
1 polymer 'Dihydroorotate dehydrogenase (fumarate)'
2 non-polymer '2,6-dioxo-5-[2-(4-phenoxyphenyl)ethyl]-1,2,3,6- tetrahydropyrimidine-4-carboxylic acid'
3 non-polymer GLYCEROL
4 non-polymer 'FLAVIN MONONUCLEOTIDE'
5 non-polymer 'COBALT HEXAMMINE(III)'
6 water water
#
_entity_poly.entity_id   1
_entity_poly.type   'polypeptide(L)'
_entity_poly.pdbx_seq_one_letter_code
;MCLKLNLLDHVFANPFMNAAGVLCSTEEDLRCMTASSSGALVSKSCTSAPRDGNPEPRYMAFPLGSINSMGLPNLGFDFY
LKYASDLHDYSKKPLFLSISGLSVEENVAMVRRLAPVAQEKGVLLELNLSCPNVPGKPQVAYDFEAMRTYLQQVSLAYGL
PFGVKMPPYFDIAHFDTAAAVLNEFPLVKFVTCVNSVGNGLVIDAESESVVIKPKQGFGGLGGKYILPTALANVNAFYRR
CPDKLVFGCGGVYSGEDAFLHILAGASMVQVGTALQEEGPGIFTRLEDELLEIMARKGYRTLEEFRGRVKTIE
;
_entity_poly.pdbx_strand_id   A,B
#
# COMPACT_ATOMS: atom_id res chain seq x y z
N MET A 1 8.98 -9.50 -34.94
CA MET A 1 8.73 -8.77 -33.66
C MET A 1 7.22 -8.56 -33.36
N CYS A 2 6.70 -9.30 -32.37
CA CYS A 2 5.27 -9.28 -32.07
C CYS A 2 4.92 -9.24 -30.59
N LEU A 3 3.68 -8.82 -30.32
CA LEU A 3 3.13 -8.78 -28.95
C LEU A 3 2.33 -10.01 -28.59
N LYS A 4 2.32 -10.98 -29.50
CA LYS A 4 1.43 -12.11 -29.46
C LYS A 4 1.67 -13.04 -28.25
N LEU A 5 0.62 -13.70 -27.79
CA LEU A 5 0.71 -14.74 -26.79
C LEU A 5 -0.33 -15.80 -27.08
N ASN A 6 0.04 -17.04 -26.78
CA ASN A 6 -0.91 -18.15 -26.60
C ASN A 6 -0.92 -18.57 -25.15
N LEU A 7 -2.03 -18.37 -24.47
CA LEU A 7 -2.18 -18.88 -23.11
C LEU A 7 -3.61 -19.29 -22.77
N LEU A 8 -3.73 -20.25 -21.86
CA LEU A 8 -5.01 -20.87 -21.50
C LEU A 8 -5.75 -21.30 -22.75
N ASP A 9 -5.03 -21.89 -23.68
CA ASP A 9 -5.65 -22.37 -24.91
C ASP A 9 -6.29 -21.26 -25.78
N HIS A 10 -5.97 -19.99 -25.51
CA HIS A 10 -6.48 -18.88 -26.33
C HIS A 10 -5.33 -18.13 -26.98
N VAL A 11 -5.65 -17.34 -27.98
CA VAL A 11 -4.67 -16.60 -28.79
C VAL A 11 -4.89 -15.11 -28.59
N PHE A 12 -3.83 -14.39 -28.22
CA PHE A 12 -3.93 -12.94 -28.03
C PHE A 12 -3.00 -12.12 -28.94
N ALA A 13 -3.54 -11.09 -29.59
CA ALA A 13 -2.74 -10.17 -30.41
C ALA A 13 -1.69 -9.45 -29.61
N ASN A 14 -2.00 -9.07 -28.37
CA ASN A 14 -1.05 -8.39 -27.48
C ASN A 14 -1.31 -8.69 -25.98
N PRO A 15 -0.39 -8.32 -25.08
CA PRO A 15 -0.68 -8.59 -23.67
C PRO A 15 -1.70 -7.63 -23.01
N PHE A 16 -2.19 -6.63 -23.74
CA PHE A 16 -2.93 -5.55 -23.10
C PHE A 16 -4.43 -5.79 -23.09
N MET A 17 -5.04 -5.43 -21.97
CA MET A 17 -6.46 -5.51 -21.77
C MET A 17 -6.80 -4.48 -20.67
N ASN A 18 -8.08 -4.18 -20.54
CA ASN A 18 -8.61 -3.32 -19.48
C ASN A 18 -8.66 -4.04 -18.13
N ALA A 19 -8.69 -3.29 -17.04
CA ALA A 19 -8.87 -3.87 -15.71
C ALA A 19 -10.36 -3.97 -15.33
N ALA A 20 -10.72 -5.04 -14.64
CA ALA A 20 -12.10 -5.23 -14.29
C ALA A 20 -12.55 -3.95 -13.57
N GLY A 21 -13.68 -3.40 -14.01
CA GLY A 21 -14.24 -2.17 -13.48
C GLY A 21 -14.12 -1.01 -14.44
N VAL A 22 -13.16 -1.07 -15.36
CA VAL A 22 -12.92 0.05 -16.23
C VAL A 22 -13.45 -0.32 -17.61
N LEU A 23 -14.25 0.60 -18.17
CA LEU A 23 -14.82 0.42 -19.49
C LEU A 23 -15.28 -1.00 -19.72
N CYS A 24 -16.09 -1.54 -18.79
CA CYS A 24 -16.67 -2.89 -18.97
C CYS A 24 -18.02 -3.19 -18.25
N SER A 25 -18.78 -2.17 -17.92
CA SER A 25 -19.99 -2.39 -17.13
C SER A 25 -21.21 -2.64 -18.00
N THR A 26 -21.30 -1.85 -19.07
CA THR A 26 -22.39 -1.94 -20.00
C THR A 26 -22.01 -2.59 -21.31
N GLU A 27 -23.03 -2.99 -22.06
CA GLU A 27 -22.87 -3.49 -23.41
C GLU A 27 -22.18 -2.47 -24.33
N GLU A 28 -22.49 -1.17 -24.13
CA GLU A 28 -21.82 -0.11 -24.84
C GLU A 28 -20.34 -0.16 -24.46
N ASP A 29 -20.05 -0.28 -23.18
CA ASP A 29 -18.67 -0.34 -22.73
C ASP A 29 -17.96 -1.56 -23.33
N LEU A 30 -18.58 -2.71 -23.17
CA LEU A 30 -18.00 -3.95 -23.62
C LEU A 30 -17.71 -3.99 -25.14
N ARG A 31 -18.60 -3.41 -25.93
CA ARG A 31 -18.39 -3.31 -27.37
C ARG A 31 -17.26 -2.34 -27.77
N CYS A 32 -17.14 -1.22 -27.04
CA CYS A 32 -16.02 -0.31 -27.18
C CYS A 32 -14.70 -1.02 -27.03
N MET A 33 -14.57 -1.76 -25.93
CA MET A 33 -13.33 -2.46 -25.60
C MET A 33 -13.01 -3.49 -26.66
N THR A 34 -14.05 -4.21 -27.05
CA THR A 34 -13.93 -5.13 -28.17
C THR A 34 -13.53 -4.45 -29.48
N ALA A 35 -14.08 -3.28 -29.80
CA ALA A 35 -13.62 -2.51 -30.97
C ALA A 35 -12.20 -1.90 -30.86
N SER A 36 -11.61 -1.81 -29.65
CA SER A 36 -10.22 -1.30 -29.45
C SER A 36 -9.13 -2.31 -29.90
N SER A 37 -7.86 -1.94 -29.74
CA SER A 37 -6.74 -2.84 -30.10
C SER A 37 -6.33 -3.75 -28.95
N SER A 38 -7.07 -3.74 -27.86
CA SER A 38 -6.68 -4.55 -26.72
C SER A 38 -6.65 -5.96 -27.17
N GLY A 39 -5.71 -6.72 -26.65
CA GLY A 39 -5.66 -8.14 -26.89
C GLY A 39 -6.77 -8.89 -26.21
N ALA A 40 -7.47 -8.27 -25.26
CA ALA A 40 -8.56 -8.94 -24.53
C ALA A 40 -9.40 -7.92 -23.77
N LEU A 41 -10.49 -8.37 -23.16
CA LEU A 41 -11.27 -7.58 -22.18
C LEU A 41 -11.83 -8.44 -21.04
N VAL A 42 -12.25 -7.76 -19.99
CA VAL A 42 -12.82 -8.41 -18.83
C VAL A 42 -14.00 -7.57 -18.39
N SER A 43 -15.10 -8.25 -18.04
CA SER A 43 -16.33 -7.59 -17.67
C SER A 43 -16.24 -7.13 -16.23
N LYS A 44 -16.88 -5.99 -15.94
CA LYS A 44 -17.05 -5.46 -14.59
C LYS A 44 -17.45 -6.61 -13.69
N SER A 45 -16.89 -6.66 -12.48
CA SER A 45 -17.17 -7.75 -11.54
C SER A 45 -18.66 -7.73 -11.25
N CYS A 46 -19.28 -8.89 -11.31
CA CYS A 46 -20.70 -8.93 -11.10
C CYS A 46 -21.19 -9.69 -9.85
N THR A 47 -22.50 -9.47 -9.61
CA THR A 47 -23.30 -10.15 -8.60
C THR A 47 -24.51 -10.79 -9.28
N SER A 48 -25.15 -11.73 -8.61
CA SER A 48 -26.43 -12.28 -9.07
C SER A 48 -27.43 -11.18 -9.38
N ALA A 49 -27.69 -10.33 -8.39
CA ALA A 49 -28.68 -9.25 -8.52
C ALA A 49 -28.03 -7.94 -9.03
N PRO A 50 -28.75 -7.18 -9.88
CA PRO A 50 -28.15 -5.96 -10.35
C PRO A 50 -27.94 -5.05 -9.17
N ARG A 51 -26.96 -4.15 -9.26
CA ARG A 51 -26.67 -3.20 -8.18
C ARG A 51 -26.41 -1.83 -8.77
N ASP A 52 -26.93 -0.80 -8.10
CA ASP A 52 -26.71 0.60 -8.48
C ASP A 52 -25.35 1.12 -7.94
N GLY A 53 -24.93 0.51 -6.83
CA GLY A 53 -23.68 0.82 -6.17
C GLY A 53 -23.88 1.99 -5.25
N ASN A 54 -22.77 2.54 -4.75
CA ASN A 54 -22.77 3.61 -3.76
C ASN A 54 -23.07 4.97 -4.40
N PRO A 55 -23.43 5.96 -3.57
CA PRO A 55 -23.64 7.34 -3.96
C PRO A 55 -22.43 7.99 -4.63
N GLU A 56 -22.70 8.92 -5.54
CA GLU A 56 -21.65 9.69 -6.22
C GLU A 56 -21.38 10.97 -5.43
N PRO A 57 -20.14 11.50 -5.45
CA PRO A 57 -18.95 11.01 -6.15
C PRO A 57 -18.36 9.81 -5.46
N ARG A 58 -17.89 8.87 -6.28
CA ARG A 58 -17.41 7.56 -5.83
C ARG A 58 -16.16 7.06 -6.61
N TYR A 59 -15.71 7.91 -7.52
CA TYR A 59 -14.45 7.79 -8.20
C TYR A 59 -13.90 9.17 -8.49
N MET A 60 -12.62 9.41 -8.16
CA MET A 60 -11.94 10.65 -8.47
C MET A 60 -10.48 10.38 -8.89
N ALA A 61 -9.99 11.18 -9.83
CA ALA A 61 -8.67 10.99 -10.42
C ALA A 61 -7.81 12.24 -10.41
N PHE A 62 -6.51 12.02 -10.40
CA PHE A 62 -5.52 13.07 -10.13
C PHE A 62 -4.22 12.81 -10.92
N PRO A 63 -3.25 13.74 -10.86
CA PRO A 63 -2.04 13.46 -11.64
C PRO A 63 -1.38 12.12 -11.31
N LEU A 64 -1.45 11.67 -10.06
CA LEU A 64 -0.71 10.45 -9.61
C LEU A 64 -1.56 9.24 -9.36
N GLY A 65 -2.87 9.32 -9.60
CA GLY A 65 -3.73 8.13 -9.60
C GLY A 65 -5.18 8.32 -9.24
N SER A 66 -5.84 7.21 -8.88
CA SER A 66 -7.27 7.23 -8.64
C SER A 66 -7.70 6.64 -7.30
N ILE A 67 -8.82 7.14 -6.80
CA ILE A 67 -9.39 6.61 -5.57
C ILE A 67 -10.78 6.21 -5.95
N ASN A 68 -11.22 5.05 -5.49
CA ASN A 68 -12.62 4.69 -5.71
C ASN A 68 -13.27 3.86 -4.61
N SER A 69 -14.56 4.08 -4.45
CA SER A 69 -15.44 3.21 -3.67
C SER A 69 -16.74 3.09 -4.43
N MET A 70 -16.73 2.30 -5.48
CA MET A 70 -17.88 2.21 -6.37
C MET A 70 -19.01 1.41 -5.71
N GLY A 71 -18.65 0.34 -4.99
CA GLY A 71 -19.65 -0.52 -4.35
C GLY A 71 -20.33 -1.50 -5.30
N LEU A 72 -19.57 -2.14 -6.17
CA LEU A 72 -20.08 -3.12 -7.11
C LEU A 72 -21.32 -2.65 -7.84
N PRO A 73 -21.23 -1.51 -8.54
CA PRO A 73 -22.34 -1.22 -9.44
C PRO A 73 -22.18 -2.16 -10.61
N ASN A 74 -23.21 -2.91 -10.96
CA ASN A 74 -23.10 -3.81 -12.12
C ASN A 74 -24.44 -4.18 -12.68
N LEU A 75 -24.48 -4.63 -13.91
CA LEU A 75 -25.77 -5.03 -14.49
C LEU A 75 -26.21 -6.43 -14.03
N GLY A 76 -25.47 -7.09 -13.15
CA GLY A 76 -25.87 -8.38 -12.63
C GLY A 76 -25.62 -9.52 -13.61
N PHE A 77 -25.45 -10.71 -13.08
CA PHE A 77 -24.87 -11.83 -13.79
C PHE A 77 -25.59 -12.21 -15.08
N ASP A 78 -26.92 -12.11 -15.07
CA ASP A 78 -27.67 -12.56 -16.24
C ASP A 78 -27.32 -11.81 -17.52
N PHE A 79 -27.08 -10.50 -17.42
CA PHE A 79 -26.63 -9.72 -18.56
C PHE A 79 -25.23 -10.13 -18.95
N TYR A 80 -24.31 -10.10 -17.98
CA TYR A 80 -22.92 -10.47 -18.27
C TYR A 80 -22.76 -11.87 -18.83
N LEU A 81 -23.65 -12.80 -18.45
CA LEU A 81 -23.64 -14.16 -18.99
C LEU A 81 -24.18 -14.18 -20.42
N LYS A 82 -25.29 -13.49 -20.64
CA LYS A 82 -25.92 -13.29 -21.98
C LYS A 82 -24.98 -12.67 -23.03
N TYR A 83 -24.13 -11.75 -22.57
CA TYR A 83 -23.20 -11.10 -23.46
C TYR A 83 -22.11 -12.11 -23.87
N ALA A 84 -21.61 -12.86 -22.90
CA ALA A 84 -20.62 -13.90 -23.19
C ALA A 84 -21.25 -14.94 -24.05
N SER A 85 -22.50 -15.26 -23.70
CA SER A 85 -23.24 -16.30 -24.38
C SER A 85 -23.57 -15.95 -25.85
N ASP A 86 -24.24 -14.80 -26.09
CA ASP A 86 -24.73 -14.46 -27.44
C ASP A 86 -24.26 -13.16 -28.10
N LEU A 87 -23.59 -12.27 -27.37
CA LEU A 87 -23.35 -10.92 -27.91
C LEU A 87 -21.90 -10.68 -28.32
N HIS A 88 -20.98 -11.16 -27.50
CA HIS A 88 -19.57 -10.95 -27.76
C HIS A 88 -19.02 -11.68 -29.01
N ASP A 89 -18.14 -10.97 -29.72
CA ASP A 89 -17.54 -11.45 -30.96
C ASP A 89 -16.16 -12.04 -30.73
N TYR A 90 -16.12 -13.28 -30.28
CA TYR A 90 -14.87 -13.97 -30.00
C TYR A 90 -13.86 -13.94 -31.14
N SER A 91 -14.31 -13.67 -32.36
CA SER A 91 -13.40 -13.64 -33.51
C SER A 91 -12.50 -12.39 -33.44
N LYS A 92 -12.92 -11.42 -32.63
CA LYS A 92 -12.16 -10.21 -32.38
C LYS A 92 -11.07 -10.40 -31.33
N LYS A 93 -11.44 -10.91 -30.17
CA LYS A 93 -10.52 -11.10 -29.04
C LYS A 93 -11.20 -11.83 -27.89
N PRO A 94 -10.44 -12.60 -27.09
CA PRO A 94 -11.07 -13.36 -26.02
C PRO A 94 -11.78 -12.50 -24.99
N LEU A 95 -12.79 -13.05 -24.33
CA LEU A 95 -13.45 -12.38 -23.20
C LEU A 95 -13.16 -13.11 -21.87
N PHE A 96 -12.90 -12.31 -20.83
CA PHE A 96 -12.84 -12.71 -19.43
C PHE A 96 -14.10 -12.19 -18.75
N LEU A 97 -14.70 -13.01 -17.87
CA LEU A 97 -15.89 -12.61 -17.10
C LEU A 97 -15.54 -12.58 -15.63
N SER A 98 -15.71 -11.41 -14.99
CA SER A 98 -15.30 -11.25 -13.60
C SER A 98 -16.48 -11.57 -12.69
N ILE A 99 -16.27 -12.26 -11.58
CA ILE A 99 -17.35 -12.38 -10.61
C ILE A 99 -16.98 -12.03 -9.19
N SER A 100 -17.92 -11.38 -8.49
CA SER A 100 -17.67 -10.94 -7.12
C SER A 100 -18.89 -11.07 -6.21
N GLY A 101 -19.36 -12.32 -6.10
CA GLY A 101 -20.48 -12.64 -5.22
C GLY A 101 -20.22 -12.18 -3.81
N LEU A 102 -21.29 -11.88 -3.06
CA LEU A 102 -21.19 -11.40 -1.68
C LEU A 102 -21.26 -12.56 -0.67
N SER A 103 -20.92 -13.76 -1.14
CA SER A 103 -20.84 -14.94 -0.29
C SER A 103 -20.43 -16.09 -1.16
N VAL A 104 -19.99 -17.16 -0.51
CA VAL A 104 -19.59 -18.35 -1.22
C VAL A 104 -20.74 -18.89 -2.11
N GLU A 105 -21.97 -18.88 -1.57
CA GLU A 105 -23.14 -19.47 -2.29
C GLU A 105 -23.55 -18.67 -3.54
N GLU A 106 -23.45 -17.34 -3.49
CA GLU A 106 -23.73 -16.48 -4.66
C GLU A 106 -22.74 -16.77 -5.81
N ASN A 107 -21.44 -16.78 -5.50
CA ASN A 107 -20.38 -17.18 -6.45
C ASN A 107 -20.49 -18.59 -7.03
N VAL A 108 -20.90 -19.53 -6.19
CA VAL A 108 -21.11 -20.91 -6.59
C VAL A 108 -22.22 -21.00 -7.64
N ALA A 109 -23.39 -20.47 -7.34
CA ALA A 109 -24.46 -20.47 -8.33
C ALA A 109 -23.98 -19.86 -9.64
N MET A 110 -23.29 -18.73 -9.58
CA MET A 110 -22.91 -18.10 -10.83
C MET A 110 -22.03 -19.00 -11.66
N VAL A 111 -20.96 -19.53 -11.09
CA VAL A 111 -20.05 -20.39 -11.90
C VAL A 111 -20.73 -21.63 -12.46
N ARG A 112 -21.70 -22.18 -11.72
CA ARG A 112 -22.41 -23.37 -12.20
C ARG A 112 -23.04 -23.14 -13.55
N ARG A 113 -23.74 -22.03 -13.71
CA ARG A 113 -24.36 -21.63 -14.99
C ARG A 113 -23.36 -21.07 -16.01
N LEU A 114 -22.22 -20.55 -15.54
CA LEU A 114 -21.16 -20.07 -16.39
C LEU A 114 -20.40 -21.21 -17.03
N ALA A 115 -20.32 -22.34 -16.32
CA ALA A 115 -19.58 -23.50 -16.81
C ALA A 115 -19.87 -23.80 -18.27
N PRO A 116 -21.14 -24.08 -18.60
CA PRO A 116 -21.38 -24.53 -19.97
C PRO A 116 -21.13 -23.47 -21.05
N VAL A 117 -21.07 -22.19 -20.68
CA VAL A 117 -20.74 -21.16 -21.67
C VAL A 117 -19.23 -21.07 -21.86
N ALA A 118 -18.49 -21.17 -20.76
CA ALA A 118 -17.05 -21.24 -20.84
C ALA A 118 -16.62 -22.38 -21.74
N GLN A 119 -17.19 -23.54 -21.50
CA GLN A 119 -16.86 -24.70 -22.31
C GLN A 119 -17.18 -24.50 -23.78
N GLU A 120 -18.37 -23.97 -24.06
CA GLU A 120 -18.83 -23.88 -25.46
C GLU A 120 -18.47 -22.60 -26.21
N LYS A 121 -18.03 -21.56 -25.51
CA LYS A 121 -17.66 -20.29 -26.16
C LYS A 121 -16.24 -19.83 -25.87
N GLY A 122 -15.69 -20.29 -24.76
CA GLY A 122 -14.32 -19.97 -24.37
C GLY A 122 -14.22 -18.77 -23.44
N VAL A 123 -15.33 -18.40 -22.81
CA VAL A 123 -15.32 -17.28 -21.87
C VAL A 123 -14.55 -17.73 -20.64
N LEU A 124 -13.71 -16.86 -20.10
CA LEU A 124 -12.78 -17.20 -19.01
C LEU A 124 -13.09 -16.46 -17.72
N LEU A 125 -12.94 -17.16 -16.59
CA LEU A 125 -13.42 -16.68 -15.29
C LEU A 125 -12.29 -16.03 -14.50
N GLU A 126 -12.53 -14.81 -14.00
CA GLU A 126 -11.65 -14.14 -13.06
C GLU A 126 -12.50 -14.01 -11.80
N LEU A 127 -12.25 -14.90 -10.84
CA LEU A 127 -12.86 -14.81 -9.53
C LEU A 127 -12.18 -13.67 -8.77
N ASN A 128 -12.99 -12.69 -8.38
CA ASN A 128 -12.51 -11.53 -7.67
C ASN A 128 -12.54 -11.81 -6.15
N LEU A 129 -11.37 -12.14 -5.60
CA LEU A 129 -11.23 -12.49 -4.18
C LEU A 129 -11.22 -11.30 -3.24
N SER A 130 -11.37 -10.08 -3.78
CA SER A 130 -11.71 -8.91 -2.98
C SER A 130 -13.22 -8.79 -2.78
N CYS A 131 -13.97 -9.85 -3.08
CA CYS A 131 -15.39 -9.87 -2.76
C CYS A 131 -15.49 -9.76 -1.25
N PRO A 132 -16.45 -8.95 -0.77
CA PRO A 132 -16.75 -8.82 0.64
C PRO A 132 -17.04 -10.15 1.30
N ASN A 133 -16.67 -10.27 2.56
CA ASN A 133 -17.26 -11.28 3.39
C ASN A 133 -18.14 -10.62 4.46
N VAL A 134 -18.58 -11.40 5.44
CA VAL A 134 -19.26 -10.87 6.63
C VAL A 134 -18.60 -9.53 6.95
N PRO A 135 -19.38 -8.42 7.05
CA PRO A 135 -18.80 -7.12 7.45
C PRO A 135 -18.25 -7.12 8.88
N GLY A 136 -17.09 -6.49 9.06
CA GLY A 136 -16.27 -6.65 10.25
C GLY A 136 -15.20 -7.74 10.08
N LYS A 137 -15.04 -8.22 8.85
CA LYS A 137 -13.86 -9.04 8.52
C LYS A 137 -13.18 -8.57 7.26
N PRO A 138 -11.87 -8.79 7.19
CA PRO A 138 -11.20 -8.46 5.96
C PRO A 138 -11.84 -9.15 4.73
N GLN A 139 -11.66 -8.51 3.58
CA GLN A 139 -12.10 -9.09 2.32
C GLN A 139 -11.47 -10.48 2.14
N VAL A 140 -12.02 -11.31 1.27
CA VAL A 140 -11.75 -12.74 1.37
C VAL A 140 -10.25 -13.10 1.20
N ALA A 141 -9.50 -12.28 0.50
CA ALA A 141 -8.10 -12.56 0.23
C ALA A 141 -7.21 -12.23 1.43
N TYR A 142 -7.68 -11.39 2.34
CA TYR A 142 -6.98 -11.11 3.59
C TYR A 142 -7.47 -12.00 4.74
N ASP A 143 -8.24 -13.02 4.39
CA ASP A 143 -8.69 -14.02 5.33
C ASP A 143 -8.48 -15.39 4.69
N PHE A 144 -7.31 -15.97 4.94
CA PHE A 144 -6.85 -17.17 4.23
C PHE A 144 -7.69 -18.41 4.49
N GLU A 145 -8.47 -18.40 5.58
CA GLU A 145 -9.49 -19.43 5.87
C GLU A 145 -10.64 -19.33 4.85
N ALA A 146 -11.28 -18.17 4.77
CA ALA A 146 -12.38 -18.00 3.84
C ALA A 146 -11.92 -18.16 2.39
N MET A 147 -10.73 -17.64 2.08
CA MET A 147 -10.15 -17.79 0.73
C MET A 147 -10.05 -19.26 0.33
N ARG A 148 -9.59 -20.11 1.24
CA ARG A 148 -9.55 -21.54 0.97
C ARG A 148 -10.95 -22.10 0.68
N THR A 149 -11.90 -21.76 1.52
CA THR A 149 -13.28 -22.18 1.34
C THR A 149 -13.82 -21.81 -0.04
N TYR A 150 -13.68 -20.52 -0.39
CA TYR A 150 -14.22 -19.99 -1.66
C TYR A 150 -13.68 -20.71 -2.87
N LEU A 151 -12.38 -21.00 -2.88
CA LEU A 151 -11.78 -21.76 -4.01
C LEU A 151 -12.08 -23.27 -3.98
N GLN A 152 -12.21 -23.88 -2.81
CA GLN A 152 -12.64 -25.30 -2.76
C GLN A 152 -14.00 -25.38 -3.48
N GLN A 153 -14.91 -24.53 -3.02
CA GLN A 153 -16.26 -24.52 -3.51
C GLN A 153 -16.38 -24.17 -4.98
N VAL A 154 -15.67 -23.14 -5.45
CA VAL A 154 -15.74 -22.72 -6.85
C VAL A 154 -15.09 -23.74 -7.79
N SER A 155 -14.01 -24.38 -7.33
CA SER A 155 -13.42 -25.46 -8.10
C SER A 155 -14.48 -26.55 -8.31
N LEU A 156 -14.98 -27.16 -7.23
CA LEU A 156 -16.01 -28.21 -7.35
C LEU A 156 -17.15 -27.80 -8.26
N ALA A 157 -17.66 -26.60 -8.04
CA ALA A 157 -18.78 -26.08 -8.84
C ALA A 157 -18.45 -25.87 -10.32
N TYR A 158 -17.26 -25.33 -10.62
CA TYR A 158 -16.90 -24.90 -11.97
C TYR A 158 -16.15 -25.99 -12.70
N GLY A 159 -15.23 -26.65 -12.03
CA GLY A 159 -14.50 -27.76 -12.63
C GLY A 159 -13.93 -27.45 -13.99
N LEU A 160 -13.66 -26.17 -14.24
CA LEU A 160 -12.85 -25.75 -15.41
C LEU A 160 -11.76 -24.81 -14.93
N PRO A 161 -10.69 -24.67 -15.73
CA PRO A 161 -9.64 -23.63 -15.61
C PRO A 161 -10.18 -22.20 -15.35
N PHE A 162 -9.76 -21.57 -14.25
CA PHE A 162 -10.16 -20.18 -13.98
C PHE A 162 -9.01 -19.40 -13.34
N GLY A 163 -9.31 -18.17 -12.90
CA GLY A 163 -8.32 -17.23 -12.40
C GLY A 163 -8.83 -16.39 -11.25
N VAL A 164 -7.88 -15.88 -10.46
CA VAL A 164 -8.22 -15.13 -9.29
C VAL A 164 -7.66 -13.73 -9.37
N LYS A 165 -8.49 -12.76 -9.00
CA LYS A 165 -8.05 -11.38 -8.85
C LYS A 165 -7.81 -11.10 -7.37
N MET A 166 -6.53 -10.87 -7.05
CA MET A 166 -6.02 -10.64 -5.66
C MET A 166 -5.75 -9.17 -5.31
N PRO A 167 -5.90 -8.83 -4.03
CA PRO A 167 -5.38 -7.56 -3.55
C PRO A 167 -3.87 -7.66 -3.37
N PRO A 168 -3.24 -6.52 -3.04
CA PRO A 168 -1.84 -6.52 -2.72
C PRO A 168 -1.58 -7.03 -1.31
N TYR A 169 -0.50 -7.78 -1.14
CA TYR A 169 0.03 -8.03 0.19
C TYR A 169 1.34 -7.25 0.36
N PHE A 170 1.73 -7.05 1.61
CA PHE A 170 2.79 -6.16 2.04
C PHE A 170 3.82 -6.78 3.03
N ASP A 171 3.64 -8.07 3.33
CA ASP A 171 4.46 -8.80 4.28
C ASP A 171 4.84 -10.12 3.57
N ILE A 172 6.07 -10.56 3.74
CA ILE A 172 6.51 -11.79 3.09
C ILE A 172 5.68 -13.01 3.51
N ALA A 173 5.28 -13.06 4.79
CA ALA A 173 4.55 -14.20 5.34
C ALA A 173 3.19 -14.32 4.67
N HIS A 174 2.69 -13.17 4.24
CA HIS A 174 1.44 -13.11 3.48
C HIS A 174 1.59 -13.61 2.05
N PHE A 175 2.64 -13.18 1.34
CA PHE A 175 2.91 -13.77 0.04
C PHE A 175 3.03 -15.27 0.20
N ASP A 176 3.80 -15.71 1.20
CA ASP A 176 4.04 -17.15 1.44
C ASP A 176 2.76 -17.90 1.60
N THR A 177 1.94 -17.45 2.53
CA THR A 177 0.68 -18.13 2.84
C THR A 177 -0.31 -18.09 1.67
N ALA A 178 -0.44 -16.95 1.00
CA ALA A 178 -1.43 -16.82 -0.10
C ALA A 178 -1.07 -17.66 -1.29
N ALA A 179 0.18 -17.63 -1.71
CA ALA A 179 0.58 -18.53 -2.77
C ALA A 179 0.32 -19.95 -2.34
N ALA A 180 0.54 -20.28 -1.08
CA ALA A 180 0.39 -21.66 -0.65
C ALA A 180 -1.06 -22.12 -0.79
N VAL A 181 -2.00 -21.23 -0.50
CA VAL A 181 -3.38 -21.57 -0.66
C VAL A 181 -3.71 -21.78 -2.12
N LEU A 182 -3.32 -20.83 -2.96
CA LEU A 182 -3.52 -20.89 -4.38
C LEU A 182 -3.02 -22.15 -5.02
N ASN A 183 -1.86 -22.60 -4.53
CA ASN A 183 -1.17 -23.78 -5.08
C ASN A 183 -1.84 -25.08 -4.69
N GLU A 184 -2.77 -25.03 -3.75
CA GLU A 184 -3.60 -26.19 -3.45
C GLU A 184 -4.61 -26.45 -4.52
N PHE A 185 -4.79 -25.49 -5.43
CA PHE A 185 -5.89 -25.55 -6.38
C PHE A 185 -5.41 -25.51 -7.81
N PRO A 186 -5.37 -26.68 -8.46
CA PRO A 186 -4.80 -26.82 -9.78
C PRO A 186 -5.60 -26.08 -10.85
N LEU A 187 -6.92 -26.01 -10.70
CA LEU A 187 -7.75 -25.26 -11.64
C LEU A 187 -7.51 -23.71 -11.63
N VAL A 188 -6.90 -23.17 -10.60
CA VAL A 188 -6.50 -21.76 -10.66
C VAL A 188 -5.32 -21.73 -11.64
N LYS A 189 -5.59 -21.33 -12.88
CA LYS A 189 -4.59 -21.35 -13.94
C LYS A 189 -3.84 -20.04 -14.00
N PHE A 190 -4.48 -18.94 -13.61
CA PHE A 190 -3.84 -17.63 -13.54
C PHE A 190 -4.20 -16.81 -12.29
N VAL A 191 -3.32 -15.88 -11.98
CA VAL A 191 -3.44 -14.99 -10.85
C VAL A 191 -3.21 -13.52 -11.28
N THR A 192 -4.15 -12.63 -10.94
CA THR A 192 -4.04 -11.20 -11.28
C THR A 192 -3.67 -10.35 -10.09
N CYS A 193 -2.48 -9.76 -10.15
CA CYS A 193 -1.95 -8.88 -9.11
C CYS A 193 -1.73 -7.46 -9.68
N VAL A 194 -2.35 -6.40 -9.14
CA VAL A 194 -3.18 -6.41 -7.95
C VAL A 194 -4.45 -5.62 -8.19
N ASN A 195 -5.42 -5.84 -7.29
CA ASN A 195 -6.53 -4.94 -7.08
C ASN A 195 -6.03 -3.62 -6.49
N SER A 196 -6.98 -2.69 -6.30
CA SER A 196 -6.70 -1.40 -5.70
C SER A 196 -6.14 -1.49 -4.31
N VAL A 197 -5.16 -0.61 -4.02
CA VAL A 197 -4.51 -0.54 -2.72
C VAL A 197 -5.55 -0.04 -1.74
N GLY A 198 -5.90 -0.90 -0.80
CA GLY A 198 -7.12 -0.76 -0.04
C GLY A 198 -7.17 0.46 0.83
N ASN A 199 -8.29 1.16 0.78
CA ASN A 199 -8.59 2.21 1.74
C ASN A 199 -7.55 3.25 1.93
N GLY A 200 -7.14 3.88 0.84
CA GLY A 200 -6.40 5.12 0.94
C GLY A 200 -7.36 6.25 1.21
N LEU A 201 -6.85 7.45 1.47
CA LEU A 201 -7.69 8.63 1.73
C LEU A 201 -7.11 9.87 1.09
N VAL A 202 -7.73 10.33 0.00
CA VAL A 202 -7.32 11.58 -0.62
C VAL A 202 -8.13 12.77 -0.09
N ILE A 203 -7.41 13.79 0.33
CA ILE A 203 -7.95 15.01 0.92
C ILE A 203 -7.61 16.20 0.04
N ASP A 204 -8.62 17.04 -0.24
CA ASP A 204 -8.46 18.26 -1.04
C ASP A 204 -8.03 19.45 -0.14
N ALA A 205 -6.87 20.02 -0.45
CA ALA A 205 -6.34 21.10 0.32
C ALA A 205 -7.22 22.36 0.34
N GLU A 206 -7.79 22.79 -0.79
CA GLU A 206 -8.62 24.03 -0.79
C GLU A 206 -9.93 23.81 -0.04
N SER A 207 -10.54 22.66 -0.24
CA SER A 207 -11.88 22.46 0.33
C SER A 207 -11.81 21.80 1.72
N GLU A 208 -10.65 21.29 2.08
CA GLU A 208 -10.44 20.67 3.38
C GLU A 208 -11.40 19.50 3.56
N SER A 209 -11.59 18.76 2.48
CA SER A 209 -12.62 17.75 2.34
C SER A 209 -12.13 16.52 1.60
N VAL A 210 -12.61 15.34 2.03
CA VAL A 210 -12.45 14.14 1.23
C VAL A 210 -13.12 14.32 -0.17
N VAL A 211 -12.71 13.54 -1.15
CA VAL A 211 -13.17 13.78 -2.52
C VAL A 211 -14.29 12.84 -2.98
N ILE A 212 -14.54 11.80 -2.19
CA ILE A 212 -15.55 10.82 -2.55
C ILE A 212 -16.47 10.58 -1.39
N LYS A 213 -17.73 10.44 -1.67
CA LYS A 213 -18.76 10.48 -0.66
C LYS A 213 -18.91 9.20 0.19
N PRO A 214 -18.79 8.01 -0.43
CA PRO A 214 -18.97 6.84 0.39
C PRO A 214 -17.83 6.66 1.41
N LYS A 215 -18.09 5.91 2.48
CA LYS A 215 -17.04 5.46 3.41
C LYS A 215 -16.16 6.60 4.03
N GLN A 216 -16.75 7.76 4.20
CA GLN A 216 -16.07 8.95 4.70
C GLN A 216 -14.78 9.25 3.90
N GLY A 217 -14.87 8.95 2.60
CA GLY A 217 -13.84 9.30 1.66
C GLY A 217 -12.76 8.27 1.46
N PHE A 218 -12.82 7.18 2.23
CA PHE A 218 -11.85 6.10 2.14
C PHE A 218 -12.08 5.28 0.87
N GLY A 219 -11.02 4.96 0.13
CA GLY A 219 -11.23 4.05 -0.99
C GLY A 219 -9.99 3.54 -1.63
N GLY A 220 -10.19 2.68 -2.62
CA GLY A 220 -9.11 1.99 -3.30
C GLY A 220 -8.28 2.88 -4.25
N LEU A 221 -6.98 2.67 -4.19
CA LEU A 221 -6.02 3.44 -4.96
C LEU A 221 -5.52 2.67 -6.18
N GLY A 222 -5.43 3.39 -7.30
CA GLY A 222 -4.92 2.85 -8.52
C GLY A 222 -4.03 3.93 -9.06
N GLY A 223 -3.25 3.59 -10.08
CA GLY A 223 -2.45 4.56 -10.82
C GLY A 223 -0.97 4.55 -10.47
N LYS A 224 -0.29 5.67 -10.66
CA LYS A 224 1.13 5.83 -10.34
C LYS A 224 1.50 5.58 -8.87
N TYR A 225 0.50 5.64 -8.00
CA TYR A 225 0.70 5.36 -6.59
C TYR A 225 1.13 3.94 -6.37
N ILE A 226 0.61 3.02 -7.17
CA ILE A 226 0.62 1.61 -6.75
C ILE A 226 1.54 0.65 -7.57
N LEU A 227 2.28 1.21 -8.52
CA LEU A 227 3.03 0.42 -9.49
C LEU A 227 4.14 -0.41 -8.88
N PRO A 228 4.89 0.13 -7.90
CA PRO A 228 5.86 -0.71 -7.24
C PRO A 228 5.25 -1.78 -6.41
N THR A 229 4.18 -1.46 -5.70
CA THR A 229 3.49 -2.49 -4.93
C THR A 229 2.93 -3.50 -5.91
N ALA A 230 2.45 -3.01 -7.06
CA ALA A 230 1.95 -3.92 -8.10
C ALA A 230 3.04 -4.85 -8.64
N LEU A 231 4.27 -4.37 -8.80
CA LEU A 231 5.36 -5.21 -9.35
C LEU A 231 5.83 -6.24 -8.35
N ALA A 232 5.78 -5.88 -7.09
CA ALA A 232 6.16 -6.79 -6.05
C ALA A 232 5.21 -8.00 -6.05
N ASN A 233 3.92 -7.73 -6.03
CA ASN A 233 2.95 -8.81 -5.95
C ASN A 233 3.06 -9.72 -7.19
N VAL A 234 3.26 -9.11 -8.35
CA VAL A 234 3.41 -9.86 -9.58
C VAL A 234 4.57 -10.86 -9.44
N ASN A 235 5.69 -10.37 -8.93
CA ASN A 235 6.91 -11.11 -8.95
C ASN A 235 6.99 -12.12 -7.80
N ALA A 236 6.46 -11.73 -6.65
CA ALA A 236 6.25 -12.67 -5.55
C ALA A 236 5.49 -13.89 -6.04
N PHE A 237 4.38 -13.65 -6.72
CA PHE A 237 3.46 -14.73 -7.08
C PHE A 237 4.00 -15.44 -8.31
N TYR A 238 4.77 -14.72 -9.12
CA TYR A 238 5.46 -15.36 -10.24
C TYR A 238 6.46 -16.32 -9.70
N ARG A 239 7.13 -15.91 -8.64
CA ARG A 239 8.16 -16.73 -7.97
C ARG A 239 7.57 -17.95 -7.25
N ARG A 240 6.56 -17.73 -6.43
CA ARG A 240 5.96 -18.79 -5.65
C ARG A 240 4.91 -19.64 -6.36
N CYS A 241 4.43 -19.25 -7.54
CA CYS A 241 3.43 -20.09 -8.29
C CYS A 241 3.87 -20.56 -9.70
N PRO A 242 4.80 -21.54 -9.77
CA PRO A 242 5.42 -21.88 -11.06
C PRO A 242 4.51 -22.61 -12.06
N ASP A 243 3.47 -23.29 -11.59
CA ASP A 243 2.49 -23.92 -12.48
C ASP A 243 1.36 -22.98 -12.96
N LYS A 244 1.39 -21.70 -12.58
CA LYS A 244 0.28 -20.79 -12.84
C LYS A 244 0.76 -19.52 -13.48
N LEU A 245 -0.11 -18.92 -14.29
CA LEU A 245 0.24 -17.68 -15.00
C LEU A 245 -0.05 -16.52 -14.09
N VAL A 246 0.73 -15.45 -14.25
CA VAL A 246 0.39 -14.20 -13.60
C VAL A 246 0.07 -13.15 -14.63
N PHE A 247 -0.96 -12.37 -14.32
CA PHE A 247 -1.38 -11.23 -15.11
C PHE A 247 -1.13 -10.03 -14.23
N GLY A 248 -0.54 -8.99 -14.80
CA GLY A 248 -0.16 -7.85 -14.03
C GLY A 248 -1.25 -6.83 -14.18
N CYS A 249 -1.53 -6.10 -13.10
CA CYS A 249 -2.39 -4.93 -13.11
C CYS A 249 -1.83 -4.00 -12.04
N GLY A 250 -1.61 -2.73 -12.39
CA GLY A 250 -1.09 -1.77 -11.42
C GLY A 250 -0.23 -0.70 -12.02
N GLY A 251 -0.70 0.54 -11.88
CA GLY A 251 -0.09 1.72 -12.52
C GLY A 251 0.55 1.56 -13.89
N VAL A 252 -0.07 0.83 -14.81
CA VAL A 252 0.45 0.86 -16.17
C VAL A 252 -0.02 2.13 -16.89
N TYR A 253 0.90 3.06 -17.18
CA TYR A 253 0.63 4.27 -18.00
C TYR A 253 1.33 4.28 -19.36
N SER A 254 2.26 3.36 -19.57
CA SER A 254 3.17 3.43 -20.69
C SER A 254 3.70 2.07 -21.06
N GLY A 255 4.32 1.96 -22.22
CA GLY A 255 4.99 0.71 -22.62
C GLY A 255 6.02 0.31 -21.58
N GLU A 256 6.65 1.28 -20.97
CA GLU A 256 7.68 1.02 -19.99
C GLU A 256 7.03 0.38 -18.77
N ASP A 257 5.91 0.93 -18.32
CA ASP A 257 5.23 0.31 -17.16
C ASP A 257 4.89 -1.16 -17.47
N ALA A 258 4.30 -1.35 -18.64
CA ALA A 258 4.04 -2.66 -19.17
C ALA A 258 5.28 -3.54 -19.20
N PHE A 259 6.39 -2.97 -19.66
CA PHE A 259 7.67 -3.65 -19.81
C PHE A 259 8.22 -4.14 -18.48
N LEU A 260 8.06 -3.30 -17.46
CA LEU A 260 8.54 -3.63 -16.13
C LEU A 260 7.64 -4.73 -15.58
N HIS A 261 6.35 -4.55 -15.82
CA HIS A 261 5.38 -5.51 -15.37
C HIS A 261 5.70 -6.88 -15.88
N ILE A 262 5.96 -6.96 -17.19
CA ILE A 262 6.34 -8.23 -17.85
C ILE A 262 7.65 -8.75 -17.24
N LEU A 263 8.67 -7.90 -17.13
CA LEU A 263 9.91 -8.33 -16.45
C LEU A 263 9.68 -9.03 -15.13
N ALA A 264 8.83 -8.50 -14.28
CA ALA A 264 8.44 -9.16 -13.04
C ALA A 264 7.76 -10.51 -13.25
N GLY A 265 7.41 -10.82 -14.50
CA GLY A 265 6.78 -12.10 -14.84
C GLY A 265 5.32 -12.03 -15.24
N ALA A 266 4.83 -10.85 -15.64
CA ALA A 266 3.48 -10.71 -16.09
C ALA A 266 3.23 -11.34 -17.49
N SER A 267 2.09 -12.03 -17.67
CA SER A 267 1.63 -12.60 -18.99
C SER A 267 0.74 -11.60 -19.79
N MET A 268 -0.53 -11.44 -19.38
CA MET A 268 -1.33 -10.25 -19.71
C MET A 268 -1.06 -9.04 -18.78
N VAL A 269 -1.38 -7.85 -19.26
CA VAL A 269 -1.08 -6.61 -18.54
C VAL A 269 -2.33 -5.75 -18.60
N GLN A 270 -2.98 -5.50 -17.46
CA GLN A 270 -4.28 -4.82 -17.42
C GLN A 270 -4.08 -3.38 -17.15
N VAL A 271 -4.92 -2.54 -17.76
CA VAL A 271 -4.86 -1.10 -17.50
C VAL A 271 -6.12 -0.65 -16.78
N GLY A 272 -5.97 -0.11 -15.59
CA GLY A 272 -7.13 0.41 -14.85
C GLY A 272 -7.31 1.90 -15.03
N THR A 273 -6.73 2.67 -14.12
CA THR A 273 -6.95 4.09 -14.03
C THR A 273 -6.62 4.85 -15.33
N ALA A 274 -5.53 4.44 -15.96
CA ALA A 274 -5.05 5.12 -17.12
C ALA A 274 -6.03 4.97 -18.26
N LEU A 275 -6.64 3.80 -18.35
CA LEU A 275 -7.66 3.56 -19.37
C LEU A 275 -8.86 4.44 -19.13
N GLN A 276 -9.24 4.55 -17.86
CA GLN A 276 -10.36 5.42 -17.46
C GLN A 276 -10.09 6.87 -17.85
N GLU A 277 -8.84 7.29 -17.69
CA GLU A 277 -8.46 8.69 -17.88
C GLU A 277 -8.31 9.01 -19.35
N GLU A 278 -7.47 8.25 -20.01
CA GLU A 278 -7.08 8.49 -21.36
C GLU A 278 -8.09 7.97 -22.37
N GLY A 279 -8.80 6.90 -22.02
CA GLY A 279 -9.70 6.22 -22.99
C GLY A 279 -9.02 5.09 -23.77
N PRO A 280 -9.81 4.36 -24.60
CA PRO A 280 -9.31 3.20 -25.27
C PRO A 280 -8.21 3.47 -26.28
N GLY A 281 -8.04 4.71 -26.72
CA GLY A 281 -6.89 5.06 -27.58
C GLY A 281 -5.55 4.74 -26.92
N ILE A 282 -5.59 4.51 -25.61
CA ILE A 282 -4.40 4.18 -24.86
C ILE A 282 -3.69 2.91 -25.33
N PHE A 283 -4.48 1.95 -25.80
CA PHE A 283 -3.91 0.68 -26.14
C PHE A 283 -3.01 0.72 -27.37
N THR A 284 -3.29 1.59 -28.33
CA THR A 284 -2.38 1.71 -29.49
C THR A 284 -1.04 2.27 -29.06
N ARG A 285 -1.10 3.34 -28.26
CA ARG A 285 0.07 3.96 -27.65
C ARG A 285 0.92 2.94 -26.88
N LEU A 286 0.29 2.20 -25.96
CA LEU A 286 1.00 1.20 -25.17
C LEU A 286 1.68 0.20 -26.09
N GLU A 287 0.91 -0.45 -26.94
CA GLU A 287 1.53 -1.30 -27.97
C GLU A 287 2.75 -0.70 -28.67
N ASP A 288 2.65 0.54 -29.14
CA ASP A 288 3.76 1.19 -29.88
C ASP A 288 4.95 1.40 -28.96
N GLU A 289 4.64 1.90 -27.75
CA GLU A 289 5.66 2.23 -26.74
C GLU A 289 6.50 1.00 -26.32
N LEU A 290 5.86 -0.11 -26.00
CA LEU A 290 6.54 -1.37 -25.60
C LEU A 290 7.35 -1.93 -26.77
N LEU A 291 6.79 -1.87 -27.97
CA LEU A 291 7.47 -2.34 -29.17
C LEU A 291 8.73 -1.51 -29.47
N GLU A 292 8.70 -0.23 -29.14
CA GLU A 292 9.88 0.62 -29.31
C GLU A 292 10.92 0.42 -28.19
N ILE A 293 10.46 -0.15 -27.08
CA ILE A 293 11.35 -0.57 -26.00
C ILE A 293 12.01 -1.89 -26.38
N MET A 294 11.24 -2.84 -26.86
CA MET A 294 11.83 -4.11 -27.33
C MET A 294 12.75 -3.99 -28.58
N ALA A 295 12.44 -3.09 -29.49
CA ALA A 295 13.31 -2.82 -30.68
C ALA A 295 14.72 -2.38 -30.27
N ARG A 296 14.79 -1.40 -29.37
CA ARG A 296 16.02 -0.80 -28.86
C ARG A 296 16.89 -1.83 -28.10
N LYS A 297 16.23 -2.77 -27.42
CA LYS A 297 16.90 -3.77 -26.59
C LYS A 297 17.10 -5.07 -27.31
N GLY A 298 16.58 -5.20 -28.52
CA GLY A 298 16.75 -6.44 -29.24
C GLY A 298 15.74 -7.55 -29.01
N TYR A 299 14.66 -7.30 -28.27
CA TYR A 299 13.70 -8.36 -27.94
C TYR A 299 12.68 -8.58 -29.07
N ARG A 300 12.53 -9.82 -29.49
CA ARG A 300 11.58 -10.15 -30.55
C ARG A 300 10.22 -10.62 -29.99
N THR A 301 10.25 -11.31 -28.85
CA THR A 301 9.04 -11.77 -28.19
C THR A 301 9.04 -11.48 -26.69
N LEU A 302 7.86 -11.62 -26.07
CA LEU A 302 7.67 -11.35 -24.63
C LEU A 302 8.36 -12.38 -23.75
N GLU A 303 8.36 -13.63 -24.20
CA GLU A 303 8.93 -14.73 -23.38
C GLU A 303 10.44 -14.59 -23.23
N GLU A 304 11.04 -13.73 -24.05
CA GLU A 304 12.48 -13.49 -24.00
C GLU A 304 12.87 -12.71 -22.78
N PHE A 305 11.92 -11.97 -22.23
CA PHE A 305 12.22 -11.17 -21.04
C PHE A 305 11.24 -11.34 -19.90
N ARG A 306 10.09 -11.95 -20.16
CA ARG A 306 9.07 -12.22 -19.12
C ARG A 306 9.65 -13.03 -17.98
N GLY A 307 9.55 -12.49 -16.78
CA GLY A 307 10.08 -13.10 -15.57
C GLY A 307 11.59 -12.95 -15.42
N ARG A 308 12.24 -12.26 -16.35
CA ARG A 308 13.71 -12.25 -16.36
C ARG A 308 14.31 -10.97 -15.75
N VAL A 309 13.61 -10.38 -14.80
CA VAL A 309 14.20 -9.32 -13.98
C VAL A 309 15.46 -9.81 -13.29
N LYS A 310 16.47 -8.97 -13.30
CA LYS A 310 17.71 -9.31 -12.66
C LYS A 310 17.69 -8.83 -11.23
N THR A 311 18.47 -9.51 -10.38
CA THR A 311 18.78 -9.04 -9.04
C THR A 311 20.28 -8.76 -8.93
N ILE A 312 20.66 -8.10 -7.86
CA ILE A 312 22.04 -7.74 -7.64
C ILE A 312 22.75 -8.79 -6.78
N GLU A 313 23.85 -9.31 -7.32
CA GLU A 313 24.66 -10.34 -6.66
C GLU A 313 23.75 -11.50 -6.15
N MET B 1 0.79 32.91 12.70
CA MET B 1 1.96 33.68 13.26
C MET B 1 3.15 32.72 13.58
N CYS B 2 2.91 31.77 14.47
CA CYS B 2 3.90 30.75 14.79
C CYS B 2 3.23 29.45 15.30
N LEU B 3 3.84 28.32 14.92
CA LEU B 3 3.22 27.00 15.05
C LEU B 3 3.50 26.25 16.38
N LYS B 4 3.92 26.96 17.43
CA LYS B 4 4.41 26.26 18.62
C LYS B 4 3.26 25.58 19.37
N LEU B 5 3.51 24.34 19.82
CA LEU B 5 2.46 23.54 20.47
C LEU B 5 3.00 22.74 21.66
N ASN B 6 2.09 22.16 22.44
CA ASN B 6 2.42 21.40 23.64
C ASN B 6 1.82 20.00 23.56
N LEU B 7 2.66 18.99 23.58
CA LEU B 7 2.19 17.61 23.61
C LEU B 7 2.97 16.88 24.67
N LEU B 8 2.30 16.00 25.43
CA LEU B 8 3.00 15.10 26.36
C LEU B 8 3.87 15.83 27.39
N ASP B 9 3.41 16.98 27.87
CA ASP B 9 4.19 17.75 28.83
C ASP B 9 5.52 18.26 28.22
N HIS B 10 5.55 18.48 26.91
CA HIS B 10 6.72 19.08 26.26
C HIS B 10 6.31 20.25 25.38
N VAL B 11 7.21 21.22 25.24
CA VAL B 11 7.03 22.34 24.31
C VAL B 11 7.69 22.02 22.97
N PHE B 12 7.01 22.32 21.87
CA PHE B 12 7.58 22.15 20.53
C PHE B 12 7.49 23.49 19.73
N ALA B 13 8.56 23.88 19.03
CA ALA B 13 8.57 25.09 18.17
C ALA B 13 7.73 24.97 16.89
N ASN B 14 7.33 23.76 16.55
CA ASN B 14 6.44 23.51 15.41
C ASN B 14 6.19 22.00 15.32
N PRO B 15 5.21 21.55 14.54
CA PRO B 15 4.90 20.12 14.57
C PRO B 15 5.86 19.18 13.80
N PHE B 16 6.96 19.73 13.29
CA PHE B 16 7.81 19.00 12.35
C PHE B 16 8.99 18.28 13.01
N MET B 17 9.29 17.10 12.46
CA MET B 17 10.39 16.25 12.93
C MET B 17 10.81 15.31 11.82
N ASN B 18 11.95 14.66 11.97
CA ASN B 18 12.41 13.68 11.02
C ASN B 18 11.64 12.45 11.32
N ALA B 19 11.76 11.51 10.42
CA ALA B 19 11.18 10.20 10.59
C ALA B 19 12.27 9.26 11.08
N ALA B 20 11.96 8.45 12.08
CA ALA B 20 12.89 7.41 12.54
C ALA B 20 13.59 6.78 11.33
N GLY B 21 14.90 6.61 11.43
CA GLY B 21 15.76 6.15 10.32
C GLY B 21 16.48 7.22 9.51
N VAL B 22 15.85 8.38 9.29
CA VAL B 22 16.43 9.37 8.42
C VAL B 22 17.18 10.42 9.23
N LEU B 23 18.45 10.60 8.90
CA LEU B 23 19.30 11.63 9.55
C LEU B 23 19.29 11.52 11.09
N CYS B 24 19.48 10.30 11.59
CA CYS B 24 19.38 10.10 13.05
C CYS B 24 20.14 8.89 13.59
N SER B 25 21.16 8.42 12.88
CA SER B 25 21.88 7.19 13.29
C SER B 25 23.14 7.51 14.08
N THR B 26 23.84 8.55 13.64
CA THR B 26 25.11 8.90 14.24
C THR B 26 24.93 10.06 15.20
N GLU B 27 25.89 10.25 16.07
CA GLU B 27 25.93 11.45 16.89
C GLU B 27 25.93 12.66 15.94
N GLU B 28 26.71 12.57 14.86
CA GLU B 28 26.75 13.63 13.85
C GLU B 28 25.37 14.02 13.38
N ASP B 29 24.59 13.00 13.03
CA ASP B 29 23.30 13.24 12.44
C ASP B 29 22.37 13.91 13.43
N LEU B 30 22.49 13.51 14.68
CA LEU B 30 21.52 13.92 15.69
C LEU B 30 21.85 15.31 16.14
N ARG B 31 23.13 15.64 16.14
CA ARG B 31 23.54 17.04 16.26
C ARG B 31 23.02 17.88 15.08
N CYS B 32 23.12 17.35 13.86
CA CYS B 32 22.57 18.00 12.69
C CYS B 32 21.05 18.25 12.81
N MET B 33 20.31 17.17 13.02
CA MET B 33 18.87 17.25 13.35
C MET B 33 18.53 18.23 14.49
N THR B 34 19.34 18.23 15.54
CA THR B 34 19.10 19.12 16.65
C THR B 34 19.29 20.58 16.18
N ALA B 35 20.33 20.83 15.37
CA ALA B 35 20.68 22.19 14.88
C ALA B 35 19.67 22.76 13.86
N SER B 36 18.81 21.89 13.34
CA SER B 36 17.81 22.30 12.38
C SER B 36 16.57 22.93 13.03
N SER B 37 15.74 23.60 12.23
CA SER B 37 14.46 24.15 12.67
C SER B 37 13.37 23.13 13.04
N SER B 38 13.62 21.84 12.87
CA SER B 38 12.61 20.84 13.32
C SER B 38 12.21 21.11 14.76
N GLY B 39 10.96 20.91 15.04
CA GLY B 39 10.46 21.03 16.40
C GLY B 39 10.97 19.87 17.27
N ALA B 40 11.22 18.72 16.68
CA ALA B 40 11.76 17.59 17.43
C ALA B 40 12.54 16.63 16.53
N LEU B 41 13.20 15.66 17.16
CA LEU B 41 13.88 14.59 16.48
C LEU B 41 13.62 13.25 17.17
N VAL B 42 13.97 12.20 16.44
CA VAL B 42 13.88 10.84 16.88
C VAL B 42 15.09 10.10 16.33
N SER B 43 15.60 9.14 17.10
CA SER B 43 16.81 8.44 16.76
C SER B 43 16.45 7.23 15.94
N LYS B 44 17.38 6.79 15.10
CA LYS B 44 17.22 5.51 14.39
C LYS B 44 16.73 4.41 15.34
N SER B 45 15.82 3.58 14.86
CA SER B 45 15.36 2.46 15.68
C SER B 45 16.57 1.63 16.08
N CYS B 46 16.51 1.00 17.24
CA CYS B 46 17.69 0.30 17.71
C CYS B 46 17.44 -1.06 18.36
N THR B 47 18.56 -1.78 18.44
CA THR B 47 18.67 -3.09 19.03
C THR B 47 19.75 -3.03 20.12
N SER B 48 19.74 -4.05 21.00
CA SER B 48 20.62 -4.13 22.17
C SER B 48 22.05 -4.01 21.75
N ALA B 49 22.43 -4.85 20.79
CA ALA B 49 23.80 -4.79 20.22
C ALA B 49 23.82 -4.00 18.89
N PRO B 50 24.95 -3.39 18.54
CA PRO B 50 24.94 -2.68 17.29
C PRO B 50 24.79 -3.63 16.11
N ARG B 51 24.22 -3.11 15.02
CA ARG B 51 24.03 -3.83 13.75
C ARG B 51 24.63 -3.02 12.59
N ASP B 52 25.15 -3.74 11.60
CA ASP B 52 25.72 -3.16 10.38
C ASP B 52 24.65 -3.00 9.31
N GLY B 53 23.65 -3.89 9.32
CA GLY B 53 22.54 -3.86 8.38
C GLY B 53 22.85 -4.69 7.16
N ASN B 54 22.03 -4.54 6.13
CA ASN B 54 22.16 -5.31 4.91
C ASN B 54 23.10 -4.72 3.89
N PRO B 55 23.48 -5.53 2.89
CA PRO B 55 24.35 -5.09 1.81
C PRO B 55 23.78 -3.91 1.04
N GLU B 56 24.61 -2.88 0.84
CA GLU B 56 24.29 -1.77 -0.08
C GLU B 56 24.39 -2.28 -1.51
N PRO B 57 23.59 -1.72 -2.43
CA PRO B 57 22.62 -0.68 -2.21
C PRO B 57 21.34 -1.22 -1.56
N ARG B 58 20.84 -0.44 -0.59
CA ARG B 58 19.67 -0.78 0.26
C ARG B 58 18.73 0.41 0.51
N TYR B 59 19.08 1.54 -0.12
CA TYR B 59 18.18 2.66 -0.23
C TYR B 59 18.29 3.24 -1.64
N MET B 60 17.17 3.59 -2.25
CA MET B 60 17.16 4.36 -3.49
C MET B 60 15.96 5.27 -3.51
N ALA B 61 16.15 6.47 -4.05
CA ALA B 61 15.04 7.40 -4.25
C ALA B 61 14.91 7.80 -5.71
N PHE B 62 13.67 8.07 -6.09
CA PHE B 62 13.25 8.40 -7.44
C PHE B 62 12.22 9.51 -7.24
N PRO B 63 11.70 10.13 -8.34
CA PRO B 63 10.79 11.29 -8.21
C PRO B 63 9.54 11.08 -7.38
N LEU B 64 8.95 9.90 -7.42
CA LEU B 64 7.71 9.59 -6.67
C LEU B 64 7.99 9.06 -5.25
N GLY B 65 9.24 8.76 -4.93
CA GLY B 65 9.60 8.37 -3.55
C GLY B 65 10.76 7.37 -3.44
N SER B 66 10.71 6.53 -2.42
CA SER B 66 11.88 5.74 -2.05
C SER B 66 11.54 4.33 -1.69
N ILE B 67 12.57 3.48 -1.85
CA ILE B 67 12.52 2.08 -1.42
C ILE B 67 13.77 1.81 -0.60
N ASN B 68 13.58 1.07 0.49
CA ASN B 68 14.69 0.68 1.37
C ASN B 68 14.48 -0.66 2.06
N SER B 69 15.60 -1.17 2.58
CA SER B 69 15.68 -2.45 3.29
C SER B 69 17.02 -2.34 3.86
N MET B 70 17.09 -1.52 4.91
CA MET B 70 18.37 -1.19 5.53
C MET B 70 18.82 -2.33 6.41
N GLY B 71 17.90 -3.03 7.05
CA GLY B 71 18.27 -4.13 7.93
C GLY B 71 18.59 -3.63 9.32
N LEU B 72 18.02 -2.50 9.69
CA LEU B 72 18.16 -1.95 11.03
C LEU B 72 19.62 -1.74 11.39
N PRO B 73 20.37 -1.03 10.52
CA PRO B 73 21.71 -0.60 10.89
C PRO B 73 21.58 0.36 12.04
N ASN B 74 22.39 0.22 13.07
CA ASN B 74 22.30 1.13 14.24
C ASN B 74 23.53 1.03 15.14
N LEU B 75 23.83 2.14 15.79
CA LEU B 75 24.93 2.19 16.74
C LEU B 75 24.67 1.38 18.02
N GLY B 76 23.42 1.00 18.26
CA GLY B 76 23.12 0.14 19.37
C GLY B 76 22.64 0.94 20.56
N PHE B 77 21.78 0.28 21.32
CA PHE B 77 20.98 0.93 22.34
C PHE B 77 21.84 1.67 23.36
N ASP B 78 23.06 1.17 23.61
CA ASP B 78 23.94 1.83 24.58
C ASP B 78 24.30 3.23 24.11
N PHE B 79 24.66 3.37 22.83
CA PHE B 79 24.95 4.69 22.27
C PHE B 79 23.76 5.64 22.39
N TYR B 80 22.62 5.23 21.85
CA TYR B 80 21.43 6.10 21.80
C TYR B 80 20.94 6.56 23.18
N LEU B 81 20.98 5.65 24.14
CA LEU B 81 20.70 6.00 25.53
C LEU B 81 21.72 7.00 26.06
N LYS B 82 22.99 6.83 25.71
CA LYS B 82 24.05 7.78 26.09
C LYS B 82 23.76 9.16 25.49
N TYR B 83 23.33 9.16 24.22
CA TYR B 83 22.97 10.40 23.56
C TYR B 83 21.79 11.04 24.30
N ALA B 84 20.76 10.24 24.53
CA ALA B 84 19.59 10.68 25.26
C ALA B 84 19.90 11.25 26.64
N SER B 85 20.90 10.67 27.31
CA SER B 85 21.21 11.01 28.70
C SER B 85 22.43 11.90 28.90
N ASP B 86 23.50 11.73 28.13
CA ASP B 86 24.70 12.60 28.33
C ASP B 86 24.99 13.63 27.23
N LEU B 87 24.30 13.57 26.07
CA LEU B 87 24.69 14.42 24.91
C LEU B 87 23.66 15.38 24.28
N HIS B 88 22.35 15.10 24.42
CA HIS B 88 21.32 15.92 23.79
C HIS B 88 20.99 17.16 24.59
N ASP B 89 20.83 18.28 23.87
CA ASP B 89 20.56 19.57 24.49
C ASP B 89 19.05 19.79 24.50
N TYR B 90 18.42 19.50 25.62
CA TYR B 90 16.94 19.50 25.70
C TYR B 90 16.30 20.89 25.63
N SER B 91 17.10 21.93 25.78
CA SER B 91 16.61 23.31 25.65
C SER B 91 16.39 23.73 24.18
N LYS B 92 16.94 22.95 23.25
CA LYS B 92 16.77 23.17 21.79
C LYS B 92 15.51 22.53 21.22
N LYS B 93 15.27 21.27 21.54
CA LYS B 93 14.04 20.60 21.17
C LYS B 93 13.92 19.27 21.95
N PRO B 94 12.73 18.68 21.97
CA PRO B 94 12.54 17.36 22.58
C PRO B 94 13.10 16.22 21.72
N LEU B 95 13.48 15.12 22.38
CA LEU B 95 14.07 13.94 21.76
C LEU B 95 13.15 12.74 21.99
N PHE B 96 12.96 11.96 20.92
CA PHE B 96 12.18 10.76 20.89
C PHE B 96 13.14 9.62 20.52
N LEU B 97 13.04 8.50 21.25
CA LEU B 97 13.96 7.39 21.04
C LEU B 97 13.17 6.22 20.49
N SER B 98 13.64 5.64 19.37
CA SER B 98 12.96 4.50 18.73
C SER B 98 13.70 3.19 18.97
N ILE B 99 12.94 2.20 19.42
CA ILE B 99 13.44 0.84 19.64
C ILE B 99 12.69 -0.13 18.72
N SER B 100 13.43 -1.08 18.14
CA SER B 100 12.89 -2.08 17.22
C SER B 100 13.58 -3.42 17.46
N GLY B 101 13.69 -3.77 18.74
CA GLY B 101 14.30 -5.00 19.18
C GLY B 101 13.68 -6.21 18.54
N LEU B 102 14.49 -7.27 18.48
CA LEU B 102 14.16 -8.48 17.74
C LEU B 102 13.29 -9.46 18.53
N SER B 103 12.85 -9.08 19.72
CA SER B 103 12.00 -9.92 20.54
C SER B 103 11.41 -9.08 21.63
N VAL B 104 10.34 -9.57 22.22
CA VAL B 104 9.75 -8.94 23.38
C VAL B 104 10.77 -8.78 24.53
N GLU B 105 11.67 -9.76 24.68
CA GLU B 105 12.66 -9.74 25.79
C GLU B 105 13.78 -8.76 25.50
N GLU B 106 14.16 -8.65 24.22
CA GLU B 106 15.13 -7.64 23.83
C GLU B 106 14.57 -6.24 24.14
N ASN B 107 13.31 -6.01 23.73
CA ASN B 107 12.61 -4.75 24.03
C ASN B 107 12.45 -4.44 25.52
N VAL B 108 12.08 -5.45 26.31
CA VAL B 108 11.89 -5.31 27.76
C VAL B 108 13.15 -4.82 28.43
N ALA B 109 14.24 -5.51 28.18
CA ALA B 109 15.54 -5.11 28.74
C ALA B 109 15.93 -3.66 28.44
N MET B 110 15.52 -3.16 27.27
CA MET B 110 15.91 -1.80 26.86
C MET B 110 15.06 -0.76 27.59
N VAL B 111 13.75 -0.97 27.62
CA VAL B 111 12.86 0.02 28.26
C VAL B 111 13.11 0.13 29.76
N ARG B 112 13.36 -1.00 30.43
CA ARG B 112 13.72 -0.97 31.86
C ARG B 112 14.86 0.00 32.07
N ARG B 113 15.83 -0.02 31.17
CA ARG B 113 17.01 0.83 31.28
C ARG B 113 16.78 2.25 30.76
N LEU B 114 15.77 2.39 29.90
CA LEU B 114 15.37 3.67 29.34
C LEU B 114 14.49 4.48 30.30
N ALA B 115 13.58 3.81 31.00
CA ALA B 115 12.60 4.46 31.91
C ALA B 115 13.21 5.44 32.94
N PRO B 116 14.36 5.07 33.53
CA PRO B 116 15.04 6.01 34.42
C PRO B 116 15.50 7.30 33.73
N VAL B 117 16.05 7.18 32.53
CA VAL B 117 16.47 8.36 31.75
C VAL B 117 15.27 9.16 31.26
N ALA B 118 14.13 8.52 31.08
CA ALA B 118 12.92 9.21 30.66
C ALA B 118 12.44 10.04 31.82
N GLN B 119 12.39 9.39 32.99
CA GLN B 119 12.01 10.10 34.22
C GLN B 119 12.81 11.36 34.32
N GLU B 120 14.12 11.22 34.36
CA GLU B 120 14.97 12.37 34.69
C GLU B 120 15.20 13.38 33.55
N LYS B 121 15.40 12.86 32.35
CA LYS B 121 15.84 13.67 31.22
C LYS B 121 14.74 13.91 30.19
N GLY B 122 13.65 13.16 30.27
CA GLY B 122 12.45 13.48 29.50
C GLY B 122 12.45 13.01 28.07
N VAL B 123 13.35 12.08 27.75
CA VAL B 123 13.33 11.43 26.44
C VAL B 123 11.99 10.73 26.34
N LEU B 124 11.48 10.59 25.12
CA LEU B 124 10.16 10.02 24.83
C LEU B 124 10.24 8.76 23.99
N LEU B 125 9.51 7.71 24.38
CA LEU B 125 9.66 6.41 23.75
C LEU B 125 8.71 6.23 22.58
N GLU B 126 9.28 5.89 21.41
CA GLU B 126 8.50 5.47 20.24
C GLU B 126 8.91 4.04 19.92
N LEU B 127 8.01 3.10 20.21
CA LEU B 127 8.25 1.69 20.01
C LEU B 127 7.87 1.28 18.60
N ASN B 128 8.76 0.59 17.91
CA ASN B 128 8.52 0.22 16.53
C ASN B 128 7.93 -1.19 16.35
N LEU B 129 6.61 -1.25 16.20
CA LEU B 129 5.87 -2.49 15.99
C LEU B 129 5.93 -3.04 14.58
N SER B 130 6.83 -2.51 13.76
CA SER B 130 7.28 -3.20 12.54
C SER B 130 8.49 -4.10 12.84
N CYS B 131 8.77 -4.28 14.15
CA CYS B 131 9.80 -5.19 14.65
C CYS B 131 9.44 -6.67 14.36
N PRO B 132 10.47 -7.54 14.34
CA PRO B 132 10.35 -8.95 13.92
C PRO B 132 9.33 -9.78 14.70
N ASN B 133 8.74 -10.79 14.04
CA ASN B 133 7.87 -11.76 14.71
C ASN B 133 8.41 -13.20 14.59
N VAL B 134 7.89 -14.08 15.45
CA VAL B 134 8.21 -15.53 15.47
C VAL B 134 8.14 -16.20 14.08
N PRO B 135 8.79 -17.39 13.92
CA PRO B 135 8.86 -18.10 12.61
C PRO B 135 7.53 -18.35 11.89
N GLY B 136 7.49 -17.92 10.63
CA GLY B 136 6.34 -18.12 9.75
C GLY B 136 5.24 -17.06 9.90
N LYS B 137 5.51 -16.04 10.71
CA LYS B 137 4.50 -15.02 11.03
C LYS B 137 4.92 -13.61 10.57
N PRO B 138 3.92 -12.78 10.24
CA PRO B 138 4.17 -11.46 9.71
C PRO B 138 4.60 -10.53 10.81
N GLN B 139 5.08 -9.34 10.48
CA GLN B 139 5.52 -8.37 11.48
C GLN B 139 4.46 -8.18 12.57
N VAL B 140 4.91 -7.75 13.73
CA VAL B 140 4.11 -7.78 14.98
C VAL B 140 2.74 -7.10 14.89
N ALA B 141 2.69 -5.90 14.30
CA ALA B 141 1.43 -5.15 14.17
C ALA B 141 0.45 -5.78 13.22
N TYR B 142 0.94 -6.70 12.38
CA TYR B 142 0.08 -7.48 11.52
C TYR B 142 -0.22 -8.86 12.13
N ASP B 143 -0.05 -8.97 13.44
CA ASP B 143 -0.41 -10.16 14.19
C ASP B 143 -0.82 -9.66 15.56
N PHE B 144 -2.10 -9.38 15.67
CA PHE B 144 -2.66 -8.61 16.78
C PHE B 144 -2.48 -9.17 18.20
N GLU B 145 -2.57 -10.47 18.39
CA GLU B 145 -2.28 -11.05 19.73
C GLU B 145 -0.82 -10.85 20.13
N ALA B 146 0.09 -11.13 19.21
CA ALA B 146 1.50 -10.82 19.41
C ALA B 146 1.73 -9.35 19.78
N MET B 147 0.97 -8.47 19.11
CA MET B 147 0.98 -7.01 19.38
C MET B 147 0.51 -6.72 20.80
N ARG B 148 -0.58 -7.36 21.24
CA ARG B 148 -1.07 -7.22 22.63
C ARG B 148 -0.05 -7.61 23.70
N THR B 149 0.68 -8.70 23.45
CA THR B 149 1.73 -9.14 24.38
C THR B 149 2.85 -8.10 24.43
N TYR B 150 3.24 -7.54 23.28
CA TYR B 150 4.37 -6.58 23.26
C TYR B 150 4.05 -5.36 24.10
N LEU B 151 2.79 -4.93 24.03
CA LEU B 151 2.32 -3.76 24.76
C LEU B 151 2.12 -4.08 26.21
N GLN B 152 1.55 -5.25 26.50
CA GLN B 152 1.44 -5.76 27.89
C GLN B 152 2.77 -5.80 28.59
N GLN B 153 3.76 -6.36 27.90
CA GLN B 153 5.11 -6.50 28.48
C GLN B 153 5.89 -5.19 28.57
N VAL B 154 5.79 -4.32 27.55
CA VAL B 154 6.52 -3.05 27.56
C VAL B 154 5.90 -2.10 28.58
N SER B 155 4.59 -2.08 28.62
CA SER B 155 3.89 -1.28 29.62
C SER B 155 4.30 -1.68 31.05
N LEU B 156 4.43 -2.98 31.29
CA LEU B 156 4.79 -3.47 32.62
C LEU B 156 6.21 -3.06 32.92
N ALA B 157 7.06 -3.23 31.92
CA ALA B 157 8.47 -2.88 32.02
C ALA B 157 8.71 -1.38 32.15
N TYR B 158 8.11 -0.60 31.27
CA TYR B 158 8.43 0.82 31.17
C TYR B 158 7.63 1.60 32.23
N GLY B 159 6.31 1.49 32.15
CA GLY B 159 5.39 2.10 33.12
C GLY B 159 5.37 3.61 33.15
N LEU B 160 5.82 4.25 32.06
CA LEU B 160 5.65 5.68 31.82
C LEU B 160 4.92 5.84 30.51
N PRO B 161 4.37 7.04 30.23
CA PRO B 161 3.68 7.27 28.94
C PRO B 161 4.61 7.09 27.79
N PHE B 162 4.13 6.47 26.70
CA PHE B 162 4.97 6.20 25.53
C PHE B 162 4.16 6.09 24.26
N GLY B 163 4.86 5.90 23.14
CA GLY B 163 4.20 5.79 21.84
C GLY B 163 4.68 4.67 20.95
N VAL B 164 3.96 4.52 19.84
CA VAL B 164 4.06 3.35 19.01
C VAL B 164 4.13 3.77 17.54
N LYS B 165 4.91 3.03 16.76
CA LYS B 165 5.10 3.29 15.36
C LYS B 165 4.41 2.18 14.61
N MET B 166 3.38 2.55 13.84
CA MET B 166 2.54 1.61 13.08
C MET B 166 2.85 1.58 11.58
N PRO B 167 2.83 0.38 11.00
CA PRO B 167 2.77 0.23 9.56
C PRO B 167 1.33 0.45 9.09
N PRO B 168 1.12 0.75 7.80
CA PRO B 168 -0.23 1.00 7.32
C PRO B 168 -1.06 -0.27 7.28
N TYR B 169 -2.34 -0.14 7.52
CA TYR B 169 -3.28 -1.22 7.27
C TYR B 169 -4.06 -0.86 6.03
N PHE B 170 -4.85 -1.78 5.51
CA PHE B 170 -5.50 -1.52 4.25
C PHE B 170 -6.92 -1.98 4.26
N ASP B 171 -7.42 -2.20 5.48
CA ASP B 171 -8.75 -2.73 5.66
C ASP B 171 -9.37 -2.05 6.87
N ILE B 172 -10.67 -1.78 6.75
CA ILE B 172 -11.41 -1.23 7.86
C ILE B 172 -11.33 -2.20 9.07
N ALA B 173 -11.53 -3.50 8.84
CA ALA B 173 -11.57 -4.44 9.97
C ALA B 173 -10.24 -4.48 10.71
N HIS B 174 -9.16 -4.23 9.98
CA HIS B 174 -7.86 -4.10 10.61
C HIS B 174 -7.70 -2.83 11.39
N PHE B 175 -8.20 -1.73 10.85
CA PHE B 175 -8.24 -0.51 11.65
C PHE B 175 -8.98 -0.82 12.91
N ASP B 176 -10.14 -1.45 12.79
CA ASP B 176 -10.99 -1.71 13.95
C ASP B 176 -10.23 -2.54 14.98
N THR B 177 -9.60 -3.60 14.53
CA THR B 177 -8.95 -4.49 15.45
C THR B 177 -7.76 -3.74 16.03
N ALA B 178 -6.96 -3.13 15.17
CA ALA B 178 -5.67 -2.59 15.61
C ALA B 178 -5.86 -1.49 16.63
N ALA B 179 -6.78 -0.58 16.32
CA ALA B 179 -7.15 0.48 17.26
C ALA B 179 -7.53 -0.09 18.66
N ALA B 180 -8.40 -1.11 18.68
CA ALA B 180 -8.87 -1.73 19.96
C ALA B 180 -7.68 -2.21 20.79
N VAL B 181 -6.80 -2.97 20.17
CA VAL B 181 -5.59 -3.37 20.86
C VAL B 181 -4.89 -2.18 21.52
N LEU B 182 -4.72 -1.10 20.76
CA LEU B 182 -4.02 0.05 21.26
C LEU B 182 -4.75 0.73 22.40
N ASN B 183 -6.08 0.67 22.36
CA ASN B 183 -6.90 1.30 23.42
C ASN B 183 -6.89 0.46 24.72
N GLU B 184 -6.41 -0.78 24.65
CA GLU B 184 -6.18 -1.57 25.87
C GLU B 184 -5.08 -1.00 26.76
N PHE B 185 -4.27 -0.10 26.19
CA PHE B 185 -3.09 0.43 26.86
C PHE B 185 -3.06 1.94 27.01
N PRO B 186 -3.38 2.41 28.23
CA PRO B 186 -3.42 3.84 28.54
C PRO B 186 -2.05 4.57 28.50
N LEU B 187 -0.96 3.80 28.49
CA LEU B 187 0.37 4.41 28.49
C LEU B 187 0.78 4.75 27.08
N VAL B 188 0.17 4.08 26.11
CA VAL B 188 0.33 4.45 24.70
C VAL B 188 -0.45 5.76 24.46
N LYS B 189 0.19 6.91 24.63
CA LYS B 189 -0.51 8.20 24.57
C LYS B 189 -0.42 8.87 23.20
N PHE B 190 0.37 8.30 22.29
CA PHE B 190 0.46 8.73 20.89
C PHE B 190 0.78 7.54 19.95
N VAL B 191 0.26 7.63 18.74
CA VAL B 191 0.42 6.62 17.72
C VAL B 191 0.95 7.33 16.47
N THR B 192 2.04 6.82 15.88
CA THR B 192 2.68 7.38 14.69
C THR B 192 2.32 6.53 13.47
N CYS B 193 1.54 7.12 12.55
CA CYS B 193 1.06 6.45 11.32
C CYS B 193 1.61 7.25 10.13
N VAL B 194 2.26 6.62 9.15
CA VAL B 194 2.48 5.20 9.10
C VAL B 194 3.95 4.97 8.87
N ASN B 195 4.37 3.72 9.04
CA ASN B 195 5.72 3.27 8.64
C ASN B 195 5.75 3.09 7.11
N SER B 196 6.89 2.73 6.53
CA SER B 196 6.99 2.49 5.09
C SER B 196 5.99 1.46 4.61
N VAL B 197 5.58 1.54 3.33
CA VAL B 197 4.61 0.58 2.79
C VAL B 197 5.37 -0.68 2.41
N GLY B 198 5.16 -1.73 3.21
CA GLY B 198 5.95 -2.94 3.15
C GLY B 198 6.03 -3.61 1.79
N ASN B 199 7.25 -3.90 1.38
CA ASN B 199 7.56 -4.87 0.33
C ASN B 199 7.09 -4.45 -1.08
N GLY B 200 7.35 -3.18 -1.41
CA GLY B 200 7.30 -2.77 -2.80
C GLY B 200 8.57 -3.26 -3.50
N LEU B 201 8.63 -3.00 -4.80
CA LEU B 201 9.68 -3.50 -5.68
C LEU B 201 9.86 -2.55 -6.87
N VAL B 202 10.89 -1.73 -6.81
CA VAL B 202 11.19 -0.87 -7.95
C VAL B 202 12.10 -1.64 -8.91
N ILE B 203 11.70 -1.64 -10.18
CA ILE B 203 12.48 -2.21 -11.27
C ILE B 203 12.92 -1.10 -12.23
N ASP B 204 14.19 -1.13 -12.64
CA ASP B 204 14.77 -0.15 -13.60
C ASP B 204 14.65 -0.70 -15.03
N ALA B 205 13.97 0.05 -15.89
CA ALA B 205 13.67 -0.45 -17.23
C ALA B 205 14.94 -0.64 -18.10
N GLU B 206 15.90 0.30 -18.01
CA GLU B 206 17.16 0.15 -18.79
C GLU B 206 18.04 -1.05 -18.39
N SER B 207 18.31 -1.20 -17.11
CA SER B 207 19.16 -2.28 -16.67
C SER B 207 18.41 -3.65 -16.57
N GLU B 208 17.09 -3.61 -16.59
CA GLU B 208 16.27 -4.81 -16.35
C GLU B 208 16.58 -5.48 -15.01
N SER B 209 16.95 -4.63 -14.04
CA SER B 209 17.41 -5.01 -12.71
C SER B 209 16.63 -4.29 -11.61
N VAL B 210 16.49 -4.97 -10.48
CA VAL B 210 16.01 -4.31 -9.27
C VAL B 210 17.10 -3.34 -8.83
N VAL B 211 16.78 -2.46 -7.89
CA VAL B 211 17.66 -1.32 -7.57
C VAL B 211 18.28 -1.35 -6.19
N ILE B 212 17.82 -2.25 -5.33
CA ILE B 212 18.37 -2.41 -4.01
C ILE B 212 18.73 -3.89 -3.84
N LYS B 213 19.78 -4.16 -3.06
CA LYS B 213 20.42 -5.49 -3.15
C LYS B 213 19.72 -6.60 -2.34
N PRO B 214 19.44 -6.37 -1.05
CA PRO B 214 18.73 -7.36 -0.24
C PRO B 214 17.33 -7.75 -0.74
N LYS B 215 16.84 -8.90 -0.27
CA LYS B 215 15.45 -9.33 -0.47
C LYS B 215 15.02 -9.40 -1.96
N GLN B 216 15.98 -9.72 -2.81
CA GLN B 216 15.77 -9.75 -4.24
C GLN B 216 15.06 -8.49 -4.75
N GLY B 217 15.43 -7.34 -4.20
CA GLY B 217 14.88 -6.07 -4.65
C GLY B 217 13.68 -5.46 -3.92
N PHE B 218 13.06 -6.27 -3.05
CA PHE B 218 11.87 -5.88 -2.28
C PHE B 218 12.19 -5.01 -1.04
N GLY B 219 11.48 -3.91 -0.85
CA GLY B 219 11.64 -3.16 0.39
C GLY B 219 10.51 -2.21 0.65
N GLY B 220 10.66 -1.37 1.66
CA GLY B 220 9.61 -0.45 2.04
C GLY B 220 9.47 0.82 1.19
N LEU B 221 8.24 1.25 1.00
CA LEU B 221 7.94 2.42 0.17
C LEU B 221 7.65 3.62 1.04
N GLY B 222 8.37 4.68 0.72
CA GLY B 222 8.10 6.01 1.24
C GLY B 222 7.90 7.00 0.11
N GLY B 223 7.47 8.21 0.46
CA GLY B 223 7.36 9.30 -0.50
C GLY B 223 5.97 9.49 -1.11
N LYS B 224 5.92 10.17 -2.22
CA LYS B 224 4.69 10.48 -2.91
C LYS B 224 3.80 9.25 -3.12
N TYR B 225 4.40 8.09 -3.29
CA TYR B 225 3.63 6.84 -3.39
C TYR B 225 2.62 6.61 -2.23
N ILE B 226 2.99 7.00 -1.01
CA ILE B 226 2.21 6.51 0.15
C ILE B 226 1.33 7.55 0.87
N LEU B 227 1.26 8.75 0.34
CA LEU B 227 0.60 9.83 1.02
C LEU B 227 -0.88 9.52 1.23
N PRO B 228 -1.60 9.09 0.18
CA PRO B 228 -2.98 8.65 0.43
C PRO B 228 -3.12 7.41 1.33
N THR B 229 -2.06 6.71 1.62
CA THR B 229 -2.13 5.62 2.56
C THR B 229 -1.90 6.19 3.96
N ALA B 230 -1.05 7.21 4.07
CA ALA B 230 -0.67 7.74 5.39
C ALA B 230 -1.80 8.60 6.03
N LEU B 231 -2.54 9.32 5.18
CA LEU B 231 -3.74 10.05 5.56
C LEU B 231 -4.91 9.18 5.99
N ALA B 232 -5.21 8.11 5.29
CA ALA B 232 -6.29 7.20 5.77
C ALA B 232 -5.94 6.68 7.18
N ASN B 233 -4.71 6.18 7.35
CA ASN B 233 -4.22 5.66 8.63
C ASN B 233 -4.12 6.72 9.71
N VAL B 234 -3.62 7.91 9.36
CA VAL B 234 -3.69 9.00 10.34
C VAL B 234 -5.14 9.17 10.81
N ASN B 235 -6.06 9.35 9.87
CA ASN B 235 -7.46 9.62 10.19
C ASN B 235 -8.15 8.40 10.83
N ALA B 236 -7.96 7.21 10.28
CA ALA B 236 -8.54 6.00 10.84
C ALA B 236 -8.27 5.85 12.33
N PHE B 237 -7.05 6.17 12.74
CA PHE B 237 -6.61 6.00 14.12
C PHE B 237 -6.95 7.21 14.97
N TYR B 238 -7.05 8.35 14.32
CA TYR B 238 -7.41 9.55 15.05
C TYR B 238 -8.87 9.44 15.53
N ARG B 239 -9.70 8.89 14.67
CA ARG B 239 -11.11 8.75 14.96
C ARG B 239 -11.33 7.63 16.01
N ARG B 240 -10.52 6.56 15.94
CA ARG B 240 -10.71 5.38 16.79
C ARG B 240 -9.93 5.46 18.09
N CYS B 241 -9.03 6.44 18.20
CA CYS B 241 -8.29 6.66 19.45
C CYS B 241 -8.45 8.10 19.95
N PRO B 242 -9.63 8.45 20.46
CA PRO B 242 -9.93 9.79 20.98
C PRO B 242 -9.03 10.22 22.13
N ASP B 243 -8.66 9.28 22.99
CA ASP B 243 -7.83 9.62 24.15
C ASP B 243 -6.31 9.64 23.85
N LYS B 244 -5.93 9.37 22.60
CA LYS B 244 -4.54 9.44 22.20
C LYS B 244 -4.23 10.53 21.18
N LEU B 245 -2.95 10.73 20.95
CA LEU B 245 -2.48 11.61 19.91
C LEU B 245 -2.17 10.78 18.68
N VAL B 246 -2.14 11.46 17.54
CA VAL B 246 -1.64 10.86 16.33
C VAL B 246 -0.57 11.74 15.69
N PHE B 247 0.53 11.07 15.31
CA PHE B 247 1.65 11.67 14.61
C PHE B 247 1.62 11.13 13.20
N GLY B 248 1.63 12.01 12.21
CA GLY B 248 1.53 11.59 10.83
C GLY B 248 2.89 11.39 10.25
N CYS B 249 2.99 10.48 9.31
CA CYS B 249 4.23 10.22 8.65
C CYS B 249 3.95 9.59 7.32
N GLY B 250 4.61 10.09 6.28
CA GLY B 250 4.42 9.52 4.96
C GLY B 250 3.96 10.51 3.92
N GLY B 251 4.83 10.72 2.94
CA GLY B 251 4.57 11.57 1.81
C GLY B 251 4.53 13.06 2.12
N VAL B 252 5.26 13.55 3.12
CA VAL B 252 5.38 15.01 3.26
C VAL B 252 6.54 15.60 2.43
N TYR B 253 6.22 16.31 1.36
CA TYR B 253 7.21 17.16 0.65
C TYR B 253 6.97 18.67 0.88
N SER B 254 5.79 19.04 1.33
CA SER B 254 5.45 20.45 1.39
C SER B 254 4.68 20.79 2.63
N GLY B 255 4.45 22.09 2.81
CA GLY B 255 3.50 22.54 3.84
C GLY B 255 2.11 21.98 3.56
N GLU B 256 1.76 21.80 2.29
CA GLU B 256 0.41 21.36 1.90
C GLU B 256 0.21 19.89 2.32
N ASP B 257 1.21 19.05 2.05
CA ASP B 257 1.18 17.65 2.46
C ASP B 257 1.03 17.59 3.99
N ALA B 258 1.72 18.53 4.64
CA ALA B 258 1.65 18.69 6.08
C ALA B 258 0.28 19.11 6.51
N PHE B 259 -0.24 20.16 5.86
CA PHE B 259 -1.57 20.68 6.18
C PHE B 259 -2.58 19.52 6.18
N LEU B 260 -2.58 18.71 5.12
CA LEU B 260 -3.55 17.67 4.99
C LEU B 260 -3.36 16.67 6.14
N HIS B 261 -2.14 16.31 6.38
CA HIS B 261 -1.83 15.43 7.48
C HIS B 261 -2.51 16.02 8.72
N ILE B 262 -2.25 17.30 9.03
CA ILE B 262 -2.84 17.84 10.26
C ILE B 262 -4.35 17.75 10.17
N LEU B 263 -4.91 18.11 9.02
CA LEU B 263 -6.37 18.04 8.82
C LEU B 263 -6.90 16.66 9.19
N ALA B 264 -6.08 15.64 8.89
CA ALA B 264 -6.44 14.24 9.15
C ALA B 264 -6.26 13.82 10.63
N GLY B 265 -5.89 14.75 11.50
CA GLY B 265 -5.89 14.52 12.94
C GLY B 265 -4.52 14.54 13.57
N ALA B 266 -3.53 14.83 12.75
CA ALA B 266 -2.14 14.63 13.11
C ALA B 266 -1.67 15.79 13.98
N SER B 267 -0.99 15.48 15.09
CA SER B 267 -0.41 16.49 16.01
C SER B 267 1.00 16.89 15.65
N MET B 268 1.90 15.90 15.50
CA MET B 268 3.25 16.07 14.94
C MET B 268 3.29 15.49 13.55
N VAL B 269 3.99 16.17 12.65
CA VAL B 269 4.16 15.70 11.28
C VAL B 269 5.59 15.28 11.04
N GLN B 270 5.79 14.01 10.70
CA GLN B 270 7.15 13.46 10.50
C GLN B 270 7.52 13.51 9.04
N VAL B 271 8.82 13.67 8.81
CA VAL B 271 9.37 13.73 7.47
C VAL B 271 10.55 12.78 7.33
N GLY B 272 10.50 11.99 6.28
CA GLY B 272 11.40 10.91 6.04
C GLY B 272 11.96 11.08 4.67
N THR B 273 11.41 10.36 3.68
CA THR B 273 11.99 10.41 2.29
C THR B 273 12.37 11.84 1.83
N ALA B 274 11.50 12.82 2.05
CA ALA B 274 11.80 14.20 1.62
C ALA B 274 12.96 14.82 2.40
N LEU B 275 13.10 14.44 3.66
CA LEU B 275 14.23 14.88 4.47
C LEU B 275 15.54 14.30 3.94
N GLN B 276 15.45 13.06 3.49
CA GLN B 276 16.59 12.27 3.06
C GLN B 276 17.14 12.76 1.72
N GLU B 277 16.29 13.41 0.93
CA GLU B 277 16.66 13.90 -0.42
C GLU B 277 17.03 15.37 -0.45
N GLU B 278 16.30 16.19 0.29
CA GLU B 278 16.44 17.63 0.28
C GLU B 278 17.41 18.12 1.34
N GLY B 279 17.56 17.35 2.42
CA GLY B 279 18.29 17.77 3.60
C GLY B 279 17.47 18.51 4.63
N PRO B 280 18.07 18.80 5.81
CA PRO B 280 17.37 19.49 6.93
C PRO B 280 16.93 20.92 6.70
N GLY B 281 17.44 21.56 5.64
CA GLY B 281 16.86 22.86 5.16
C GLY B 281 15.36 22.79 4.91
N ILE B 282 14.87 21.61 4.55
CA ILE B 282 13.47 21.40 4.30
C ILE B 282 12.60 21.93 5.41
N PHE B 283 13.08 21.87 6.66
CA PHE B 283 12.25 22.27 7.77
C PHE B 283 11.90 23.74 7.77
N THR B 284 12.80 24.61 7.29
CA THR B 284 12.46 26.02 7.18
C THR B 284 11.41 26.23 6.09
N ARG B 285 11.49 25.44 5.04
CA ARG B 285 10.55 25.57 3.94
C ARG B 285 9.21 25.09 4.37
N LEU B 286 9.16 23.94 5.04
CA LEU B 286 7.90 23.36 5.48
C LEU B 286 7.17 24.26 6.47
N GLU B 287 7.88 24.84 7.42
CA GLU B 287 7.26 25.89 8.27
C GLU B 287 6.59 26.97 7.44
N ASP B 288 7.37 27.65 6.60
CA ASP B 288 6.92 28.82 5.82
C ASP B 288 5.67 28.51 5.02
N GLU B 289 5.69 27.39 4.30
CA GLU B 289 4.56 27.03 3.46
C GLU B 289 3.28 26.78 4.27
N LEU B 290 3.40 26.08 5.40
CA LEU B 290 2.25 25.77 6.27
C LEU B 290 1.71 27.06 6.86
N LEU B 291 2.60 27.83 7.47
CA LEU B 291 2.21 29.17 7.89
C LEU B 291 1.49 29.94 6.77
N GLU B 292 1.97 29.86 5.54
CA GLU B 292 1.36 30.57 4.41
C GLU B 292 -0.03 30.01 4.04
N ILE B 293 -0.18 28.69 4.03
CA ILE B 293 -1.52 28.05 3.92
C ILE B 293 -2.50 28.53 5.01
N MET B 294 -2.04 28.59 6.25
CA MET B 294 -2.88 29.04 7.37
C MET B 294 -3.35 30.50 7.23
N ALA B 295 -2.48 31.34 6.70
CA ALA B 295 -2.75 32.77 6.55
C ALA B 295 -3.87 33.02 5.53
N ARG B 296 -3.70 32.42 4.36
CA ARG B 296 -4.65 32.54 3.26
C ARG B 296 -6.06 32.14 3.71
N LYS B 297 -6.11 31.10 4.54
CA LYS B 297 -7.36 30.52 5.01
C LYS B 297 -7.82 31.18 6.28
N GLY B 298 -6.98 31.99 6.91
CA GLY B 298 -7.35 32.65 8.17
C GLY B 298 -7.28 31.74 9.39
N TYR B 299 -6.41 30.74 9.37
CA TYR B 299 -6.15 29.94 10.57
C TYR B 299 -5.01 30.53 11.42
N ARG B 300 -5.25 30.72 12.72
CA ARG B 300 -4.23 31.17 13.67
C ARG B 300 -3.54 30.03 14.43
N THR B 301 -4.13 28.84 14.45
CA THR B 301 -3.64 27.72 15.26
C THR B 301 -3.92 26.39 14.61
N LEU B 302 -3.07 25.41 14.90
CA LEU B 302 -3.18 24.07 14.33
C LEU B 302 -4.42 23.39 14.90
N GLU B 303 -4.59 23.53 16.21
CA GLU B 303 -5.83 23.24 16.91
C GLU B 303 -7.09 23.61 16.14
N GLU B 304 -7.08 24.73 15.41
CA GLU B 304 -8.27 25.16 14.65
C GLU B 304 -8.74 24.26 13.52
N PHE B 305 -7.82 23.56 12.88
CA PHE B 305 -8.20 22.61 11.81
C PHE B 305 -7.75 21.17 12.04
N ARG B 306 -7.07 20.88 13.14
CA ARG B 306 -6.62 19.52 13.37
C ARG B 306 -7.80 18.58 13.43
N GLY B 307 -7.72 17.53 12.62
CA GLY B 307 -8.77 16.53 12.57
C GLY B 307 -10.08 16.98 11.97
N ARG B 308 -10.09 18.12 11.28
CA ARG B 308 -11.34 18.70 10.77
C ARG B 308 -11.66 18.40 9.30
N VAL B 309 -10.99 17.41 8.71
CA VAL B 309 -11.31 17.02 7.35
C VAL B 309 -12.81 16.80 7.16
N LYS B 310 -13.33 17.44 6.14
CA LYS B 310 -14.77 17.46 5.91
C LYS B 310 -15.17 16.22 5.13
N THR B 311 -16.24 15.59 5.55
CA THR B 311 -16.78 14.46 4.83
C THR B 311 -17.92 15.02 3.99
N ILE B 312 -18.30 14.29 2.94
CA ILE B 312 -19.43 14.66 2.11
C ILE B 312 -20.66 13.96 2.68
N GLU B 313 -21.28 14.66 3.63
CA GLU B 313 -22.49 14.23 4.34
C GLU B 313 -22.29 12.91 5.10
#